data_5JTC
#
_entry.id   5JTC
#
_cell.length_a   50.020
_cell.length_b   91.660
_cell.length_c   123.050
_cell.angle_alpha   90.000
_cell.angle_beta   90.000
_cell.angle_gamma   90.000
#
_symmetry.space_group_name_H-M   'P 21 21 21'
#
loop_
_entity.id
_entity.type
_entity.pdbx_description
1 polymer 'Aspartyl/asparaginyl beta-hydroxylase'
2 polymer 'Coagulation factor X'
3 non-polymer 'MANGANESE (II) ION'
4 non-polymer 'PYRIDINE-2,4-DICARBOXYLIC ACID'
5 non-polymer 'BROMIDE ION'
6 non-polymer GLYCEROL
7 water water
#
loop_
_entity_poly.entity_id
_entity_poly.type
_entity_poly.pdbx_seq_one_letter_code
_entity_poly.pdbx_strand_id
1 'polypeptide(L)'
;KPKLLNKFDKTIKAELDAAEKLRKRGKIEEAVNAFKELVRKYPQSPRARYGKAQCEDDLAEKRRSNEVLRGAIETYQEVA
SLPDVPADLLKLSLKRRSDRQQFLGHMRGSLLTLQRLVQLFPNDTSLKNDLGVGYLLIGDNDNAKKVYEEVLSVTPNDGF
AKVHYGFILKAQNKIAESIPYLKEGIESGDPGTDDGRFYFHLGDAMQRVGNKEAYKWYELGHKRGHFASVWQRSLYNVNG
LKAQPWWTPKETGYTELVKSLERNWKLIRDEGLAVMDKAKGLFLPEDENLREKGDWSQFTLWQQGRRNENACKGAPKTCT
LLEKFPETTGCRRGQIKYSIMHPGTHVWPHTGPTNCRLRMHLGLVIPKEGCKIRCANETKTWEEGKVLIFDDSFEHEVWQ
DASSFRLIFIVDVWHPELTPQQRRSLPAI
;
A
2 'polypeptide(L)' DGDQSETSPSQNQGKCKDGLGEYTCTSLEGFEGKNSELF B
#
# COMPACT_ATOMS: atom_id res chain seq x y z
N LYS A 1 7.43 31.25 17.26
CA LYS A 1 7.73 30.14 18.15
C LYS A 1 9.07 29.50 17.80
N PRO A 2 9.25 29.06 16.55
CA PRO A 2 10.53 28.46 16.17
C PRO A 2 11.57 29.52 15.81
N LYS A 3 12.71 29.46 16.48
CA LYS A 3 13.80 30.40 16.23
C LYS A 3 14.71 29.81 15.16
N LEU A 4 14.74 30.45 13.99
CA LEU A 4 15.47 29.95 12.84
C LEU A 4 16.67 30.81 12.48
N LEU A 5 16.97 31.84 13.26
CA LEU A 5 18.01 32.80 12.93
C LEU A 5 19.15 32.70 13.92
N ASN A 6 20.34 32.37 13.43
CA ASN A 6 21.54 32.41 14.26
C ASN A 6 22.00 33.86 14.40
N LYS A 7 23.12 34.05 15.11
CA LYS A 7 23.58 35.40 15.43
C LYS A 7 23.72 36.25 14.18
N PHE A 8 24.38 35.73 13.14
CA PHE A 8 24.62 36.53 11.96
C PHE A 8 23.34 36.77 11.16
N ASP A 9 22.49 35.75 11.04
CA ASP A 9 21.26 35.91 10.28
C ASP A 9 20.37 37.00 10.87
N LYS A 10 20.51 37.28 12.17
CA LYS A 10 19.75 38.37 12.78
C LYS A 10 20.20 39.73 12.24
N THR A 11 21.47 39.85 11.83
CA THR A 11 21.98 41.11 11.30
C THR A 11 21.52 41.36 9.88
N ILE A 12 21.00 40.35 9.19
CA ILE A 12 20.54 40.50 7.81
C ILE A 12 19.07 40.12 7.74
N LYS A 13 18.35 40.28 8.85
CA LYS A 13 16.95 39.86 8.90
C LYS A 13 16.10 40.62 7.89
N ALA A 14 16.40 41.90 7.65
CA ALA A 14 15.61 42.67 6.70
C ALA A 14 15.67 42.04 5.31
N GLU A 15 16.87 41.74 4.82
CA GLU A 15 17.00 41.10 3.52
C GLU A 15 16.30 39.74 3.51
N LEU A 16 16.50 38.95 4.55
CA LEU A 16 15.85 37.63 4.60
C LEU A 16 14.33 37.77 4.64
N ASP A 17 13.82 38.73 5.40
CA ASP A 17 12.37 38.94 5.45
C ASP A 17 11.83 39.43 4.12
N ALA A 18 12.55 40.33 3.46
CA ALA A 18 12.10 40.83 2.16
C ALA A 18 11.97 39.70 1.15
N ALA A 19 12.92 38.76 1.15
CA ALA A 19 12.85 37.62 0.24
C ALA A 19 11.72 36.68 0.63
N GLU A 20 11.58 36.39 1.92
CA GLU A 20 10.53 35.48 2.36
C GLU A 20 9.15 36.00 2.01
N LYS A 21 8.94 37.31 2.14
CA LYS A 21 7.63 37.88 1.84
C LYS A 21 7.25 37.65 0.38
N LEU A 22 8.23 37.71 -0.52
CA LEU A 22 7.95 37.42 -1.92
C LEU A 22 7.45 35.99 -2.11
N ARG A 23 8.09 35.04 -1.44
CA ARG A 23 7.67 33.65 -1.57
C ARG A 23 6.26 33.43 -1.05
N LYS A 24 5.92 34.08 0.07
CA LYS A 24 4.61 33.88 0.66
C LYS A 24 3.50 34.41 -0.24
N ARG A 25 3.79 35.45 -1.03
CA ARG A 25 2.82 35.97 -2.00
C ARG A 25 2.76 35.14 -3.27
N GLY A 26 3.45 34.01 -3.33
CA GLY A 26 3.44 33.16 -4.50
C GLY A 26 4.34 33.62 -5.62
N LYS A 27 5.00 34.76 -5.50
CA LYS A 27 5.96 35.20 -6.51
C LYS A 27 7.20 34.32 -6.43
N ILE A 28 7.02 33.04 -6.75
CA ILE A 28 8.10 32.07 -6.57
C ILE A 28 9.34 32.49 -7.36
N GLU A 29 9.14 32.80 -8.65
CA GLU A 29 10.28 33.11 -9.52
C GLU A 29 11.13 34.23 -8.94
N GLU A 30 10.49 35.30 -8.45
CA GLU A 30 11.24 36.40 -7.85
C GLU A 30 11.90 35.96 -6.55
N ALA A 31 11.21 35.14 -5.76
CA ALA A 31 11.75 34.73 -4.47
C ALA A 31 12.95 33.81 -4.62
N VAL A 32 12.92 32.90 -5.61
CA VAL A 32 14.08 32.05 -5.87
C VAL A 32 15.30 32.92 -6.13
N ASN A 33 15.18 33.86 -7.08
CA ASN A 33 16.31 34.71 -7.44
C ASN A 33 16.80 35.52 -6.25
N ALA A 34 15.88 35.98 -5.40
CA ALA A 34 16.27 36.78 -4.26
C ALA A 34 17.09 35.97 -3.27
N PHE A 35 16.66 34.73 -2.99
CA PHE A 35 17.41 33.90 -2.06
C PHE A 35 18.72 33.42 -2.66
N LYS A 36 18.74 33.15 -3.97
CA LYS A 36 20.01 32.85 -4.63
C LYS A 36 20.97 34.01 -4.49
N GLU A 37 20.46 35.24 -4.61
CA GLU A 37 21.29 36.42 -4.36
C GLU A 37 21.82 36.42 -2.92
N LEU A 38 20.96 36.07 -1.96
CA LEU A 38 21.39 36.05 -0.57
C LEU A 38 22.37 34.92 -0.30
N VAL A 39 22.26 33.81 -1.04
CA VAL A 39 23.17 32.69 -0.83
C VAL A 39 24.57 33.05 -1.35
N ARG A 40 24.66 33.71 -2.50
CA ARG A 40 25.97 34.11 -3.00
C ARG A 40 26.61 35.14 -2.09
N LYS A 41 25.81 36.07 -1.56
CA LYS A 41 26.34 37.13 -0.71
C LYS A 41 26.66 36.62 0.68
N TYR A 42 25.83 35.71 1.20
CA TYR A 42 26.01 35.14 2.54
C TYR A 42 26.04 33.62 2.42
N PRO A 43 27.12 33.07 1.87
CA PRO A 43 27.16 31.62 1.60
C PRO A 43 27.08 30.75 2.84
N GLN A 44 27.25 31.31 4.03
CA GLN A 44 27.16 30.53 5.26
C GLN A 44 25.82 30.68 5.96
N SER A 45 24.93 31.52 5.44
CA SER A 45 23.65 31.78 6.10
C SER A 45 22.74 30.56 6.06
N PRO A 46 22.36 29.98 7.19
CA PRO A 46 21.39 28.87 7.13
C PRO A 46 20.01 29.31 6.67
N ARG A 47 19.56 30.49 7.09
CA ARG A 47 18.22 30.95 6.72
C ARG A 47 18.15 31.27 5.23
N ALA A 48 19.22 31.86 4.68
CA ALA A 48 19.24 32.11 3.24
C ALA A 48 19.15 30.80 2.46
N ARG A 49 19.88 29.78 2.91
CA ARG A 49 19.86 28.49 2.23
C ARG A 49 18.50 27.82 2.37
N TYR A 50 17.90 27.91 3.56
CA TYR A 50 16.57 27.34 3.77
C TYR A 50 15.54 28.01 2.87
N GLY A 51 15.62 29.32 2.72
CA GLY A 51 14.71 30.01 1.82
C GLY A 51 14.84 29.56 0.38
N LYS A 52 16.08 29.39 -0.08
CA LYS A 52 16.30 28.84 -1.41
C LYS A 52 15.65 27.48 -1.56
N ALA A 53 15.78 26.63 -0.54
CA ALA A 53 15.17 25.31 -0.58
C ALA A 53 13.65 25.41 -0.62
N GLN A 54 13.06 26.16 0.32
CA GLN A 54 11.61 26.32 0.34
C GLN A 54 11.09 26.86 -0.99
N CYS A 55 11.81 27.81 -1.59
CA CYS A 55 11.37 28.35 -2.88
C CYS A 55 11.44 27.30 -3.97
N GLU A 56 12.51 26.50 -4.00
CA GLU A 56 12.58 25.38 -4.93
C GLU A 56 11.44 24.40 -4.68
N ASP A 57 11.13 24.16 -3.41
CA ASP A 57 10.03 23.26 -3.06
C ASP A 57 8.71 23.78 -3.62
N ASP A 58 8.40 25.04 -3.37
CA ASP A 58 7.16 25.62 -3.88
C ASP A 58 7.16 25.69 -5.40
N LEU A 59 8.34 25.84 -6.01
CA LEU A 59 8.41 25.83 -7.47
C LEU A 59 8.01 24.48 -8.03
N ALA A 60 8.44 23.39 -7.38
CA ALA A 60 8.06 22.05 -7.83
C ALA A 60 6.55 21.89 -7.78
N GLU A 61 5.90 22.43 -6.74
CA GLU A 61 4.44 22.38 -6.66
C GLU A 61 3.81 23.09 -7.85
N LYS A 62 4.20 24.34 -8.09
CA LYS A 62 3.64 25.09 -9.21
C LYS A 62 3.96 24.43 -10.54
N ARG A 63 5.21 23.98 -10.72
CA ARG A 63 5.60 23.32 -11.95
C ARG A 63 5.17 21.86 -12.02
N ARG A 64 4.94 21.22 -10.87
CA ARG A 64 4.62 19.80 -10.83
C ARG A 64 5.77 18.96 -11.38
N SER A 65 7.00 19.39 -11.08
CA SER A 65 8.20 18.77 -11.60
C SER A 65 8.92 18.01 -10.49
N ASN A 66 9.31 16.76 -10.79
CA ASN A 66 10.15 16.00 -9.87
C ASN A 66 11.54 16.61 -9.78
N GLU A 67 12.12 16.97 -10.92
CA GLU A 67 13.51 17.43 -10.94
C GLU A 67 13.68 18.70 -10.12
N VAL A 68 12.69 19.60 -10.18
CA VAL A 68 12.75 20.80 -9.33
C VAL A 68 12.76 20.40 -7.87
N LEU A 69 11.90 19.44 -7.49
CA LEU A 69 11.88 19.00 -6.11
C LEU A 69 13.17 18.30 -5.71
N ARG A 70 13.76 17.53 -6.64
CA ARG A 70 15.02 16.87 -6.36
C ARG A 70 16.12 17.88 -6.05
N GLY A 71 16.10 19.03 -6.74
CA GLY A 71 17.05 20.08 -6.42
C GLY A 71 16.82 20.66 -5.03
N ALA A 72 15.56 20.86 -4.65
CA ALA A 72 15.26 21.33 -3.31
C ALA A 72 15.77 20.36 -2.26
N ILE A 73 15.70 19.05 -2.54
CA ILE A 73 16.15 18.04 -1.59
C ILE A 73 17.62 18.24 -1.26
N GLU A 74 18.45 18.51 -2.28
CA GLU A 74 19.86 18.75 -2.03
C GLU A 74 20.07 20.04 -1.25
N THR A 75 19.28 21.08 -1.55
CA THR A 75 19.43 22.33 -0.83
C THR A 75 19.06 22.17 0.64
N TYR A 76 18.00 21.41 0.93
CA TYR A 76 17.67 21.11 2.32
C TYR A 76 18.84 20.42 3.02
N GLN A 77 19.55 19.56 2.30
CA GLN A 77 20.76 18.96 2.86
C GLN A 77 21.83 20.03 3.07
N GLU A 78 21.98 20.95 2.11
CA GLU A 78 23.00 21.97 2.24
C GLU A 78 22.82 22.78 3.51
N VAL A 79 21.57 23.04 3.91
CA VAL A 79 21.33 23.79 5.14
C VAL A 79 21.99 23.11 6.32
N ALA A 80 21.87 21.77 6.40
CA ALA A 80 22.40 21.04 7.54
C ALA A 80 23.92 20.99 7.55
N SER A 81 24.56 21.21 6.40
CA SER A 81 26.01 21.21 6.31
C SER A 81 26.63 22.54 6.72
N LEU A 82 25.84 23.61 6.83
CA LEU A 82 26.36 24.92 7.15
C LEU A 82 26.71 25.02 8.63
N PRO A 83 27.53 25.99 9.01
CA PRO A 83 27.91 26.14 10.41
C PRO A 83 26.86 26.90 11.21
N ASP A 84 26.79 26.57 12.50
CA ASP A 84 25.98 27.30 13.47
C ASP A 84 24.52 27.35 13.03
N VAL A 85 23.97 26.19 12.68
CA VAL A 85 22.57 26.12 12.26
C VAL A 85 21.69 25.99 13.51
N PRO A 86 20.70 26.86 13.69
CA PRO A 86 19.79 26.69 14.84
C PRO A 86 19.08 25.34 14.81
N ALA A 87 18.80 24.82 16.00
CA ALA A 87 18.26 23.46 16.12
C ALA A 87 16.89 23.35 15.45
N ASP A 88 16.03 24.34 15.65
CA ASP A 88 14.70 24.30 15.02
C ASP A 88 14.83 24.29 13.50
N LEU A 89 15.71 25.13 12.95
CA LEU A 89 15.89 25.16 11.50
C LEU A 89 16.50 23.87 11.00
N LEU A 90 17.46 23.31 11.74
CA LEU A 90 18.08 22.05 11.35
C LEU A 90 17.05 20.93 11.25
N LYS A 91 16.14 20.86 12.23
CA LYS A 91 15.13 19.81 12.22
C LYS A 91 14.12 20.04 11.09
N LEU A 92 13.63 21.27 10.94
CA LEU A 92 12.69 21.58 9.87
C LEU A 92 13.27 21.22 8.51
N SER A 93 14.55 21.53 8.29
CA SER A 93 15.13 21.34 6.97
C SER A 93 15.27 19.86 6.63
N LEU A 94 15.76 19.05 7.58
CA LEU A 94 15.97 17.64 7.30
C LEU A 94 14.67 16.84 7.33
N LYS A 95 13.70 17.24 8.15
CA LYS A 95 12.41 16.58 8.11
C LYS A 95 11.73 16.80 6.76
N ARG A 96 11.68 18.05 6.30
CA ARG A 96 11.10 18.33 4.99
C ARG A 96 11.86 17.61 3.88
N ARG A 97 13.16 17.41 4.05
CA ARG A 97 13.92 16.62 3.07
C ARG A 97 13.42 15.19 3.04
N SER A 98 13.28 14.56 4.20
CA SER A 98 12.76 13.20 4.27
C SER A 98 11.37 13.12 3.66
N ASP A 99 10.45 13.97 4.10
CA ASP A 99 9.09 13.95 3.61
C ASP A 99 9.04 14.05 2.09
N ARG A 100 9.88 14.90 1.51
CA ARG A 100 9.91 15.05 0.06
C ARG A 100 10.62 13.88 -0.61
N GLN A 101 11.58 13.25 0.08
CA GLN A 101 12.19 12.03 -0.46
C GLN A 101 11.17 10.90 -0.54
N GLN A 102 10.35 10.74 0.50
CA GLN A 102 9.30 9.72 0.46
C GLN A 102 8.26 10.04 -0.59
N PHE A 103 7.87 11.32 -0.71
CA PHE A 103 6.92 11.74 -1.74
C PHE A 103 7.39 11.30 -3.13
N LEU A 104 8.67 11.46 -3.41
CA LEU A 104 9.22 11.08 -4.71
C LEU A 104 9.43 9.58 -4.84
N GLY A 105 9.33 8.82 -3.75
CA GLY A 105 9.60 7.40 -3.79
C GLY A 105 11.01 7.01 -3.39
N HIS A 106 11.84 7.96 -2.99
CA HIS A 106 13.21 7.68 -2.53
C HIS A 106 13.14 7.28 -1.05
N MET A 107 12.74 6.03 -0.83
CA MET A 107 12.58 5.54 0.54
C MET A 107 13.93 5.23 1.19
N ARG A 108 14.85 4.65 0.44
CA ARG A 108 16.18 4.36 0.99
C ARG A 108 16.88 5.65 1.41
N GLY A 109 16.78 6.69 0.59
CA GLY A 109 17.40 7.96 0.95
C GLY A 109 16.72 8.63 2.13
N SER A 110 15.39 8.49 2.22
CA SER A 110 14.68 9.06 3.35
C SER A 110 15.13 8.44 4.66
N LEU A 111 15.45 7.14 4.64
CA LEU A 111 15.92 6.48 5.85
C LEU A 111 17.17 7.16 6.39
N LEU A 112 18.21 7.28 5.56
CA LEU A 112 19.45 7.91 6.00
C LEU A 112 19.19 9.24 6.68
N THR A 113 18.35 10.08 6.06
CA THR A 113 18.00 11.35 6.67
C THR A 113 17.35 11.15 8.03
N LEU A 114 16.44 10.17 8.13
CA LEU A 114 15.74 9.93 9.38
C LEU A 114 16.69 9.40 10.45
N GLN A 115 17.62 8.52 10.07
CA GLN A 115 18.63 8.07 11.02
C GLN A 115 19.47 9.24 11.51
N ARG A 116 19.87 10.12 10.59
CA ARG A 116 20.63 11.30 10.98
C ARG A 116 19.81 12.19 11.93
N LEU A 117 18.53 12.37 11.63
CA LEU A 117 17.69 13.20 12.50
C LEU A 117 17.63 12.65 13.92
N VAL A 118 17.55 11.32 14.06
CA VAL A 118 17.49 10.72 15.39
C VAL A 118 18.83 10.87 16.11
N GLN A 119 19.94 10.73 15.37
CA GLN A 119 21.25 10.94 15.96
C GLN A 119 21.40 12.37 16.46
N LEU A 120 20.96 13.34 15.65
CA LEU A 120 21.09 14.74 16.03
C LEU A 120 20.17 15.10 17.20
N PHE A 121 18.99 14.49 17.27
CA PHE A 121 17.99 14.82 18.29
C PHE A 121 17.59 13.53 19.00
N PRO A 122 18.42 13.05 19.94
CA PRO A 122 18.13 11.76 20.57
C PRO A 122 16.92 11.73 21.48
N ASN A 123 16.43 12.88 21.96
CA ASN A 123 15.30 12.90 22.89
C ASN A 123 13.97 13.19 22.21
N ASP A 124 13.96 13.39 20.89
CA ASP A 124 12.72 13.65 20.16
C ASP A 124 12.05 12.32 19.85
N THR A 125 10.91 12.07 20.51
CA THR A 125 10.20 10.81 20.31
C THR A 125 9.54 10.77 18.93
N SER A 126 9.01 11.89 18.45
CA SER A 126 8.31 11.90 17.17
C SER A 126 9.25 11.53 16.02
N LEU A 127 10.53 11.89 16.13
CA LEU A 127 11.48 11.54 15.07
C LEU A 127 11.75 10.04 15.05
N LYS A 128 11.76 9.39 16.21
CA LYS A 128 11.90 7.93 16.25
C LYS A 128 10.71 7.26 15.59
N ASN A 129 9.49 7.73 15.92
CA ASN A 129 8.30 7.24 15.23
C ASN A 129 8.43 7.41 13.73
N ASP A 130 8.92 8.57 13.29
CA ASP A 130 9.12 8.80 11.85
C ASP A 130 10.17 7.85 11.29
N LEU A 131 11.20 7.54 12.07
CA LEU A 131 12.20 6.58 11.63
C LEU A 131 11.59 5.20 11.45
N GLY A 132 10.71 4.80 12.37
CA GLY A 132 10.03 3.51 12.22
C GLY A 132 9.24 3.43 10.93
N VAL A 133 8.54 4.51 10.58
CA VAL A 133 7.84 4.56 9.29
C VAL A 133 8.83 4.38 8.15
N GLY A 134 9.98 5.08 8.23
CA GLY A 134 11.00 4.91 7.22
C GLY A 134 11.37 3.45 7.00
N TYR A 135 11.48 2.69 8.08
CA TYR A 135 11.80 1.27 7.96
C TYR A 135 10.64 0.49 7.35
N LEU A 136 9.41 0.80 7.75
CA LEU A 136 8.26 0.09 7.24
C LEU A 136 8.08 0.28 5.74
N LEU A 137 8.52 1.42 5.21
CA LEU A 137 8.32 1.71 3.79
C LEU A 137 9.26 0.90 2.91
N ILE A 138 10.46 0.56 3.40
CA ILE A 138 11.37 -0.28 2.64
C ILE A 138 11.19 -1.76 2.93
N GLY A 139 10.22 -2.13 3.78
CA GLY A 139 9.99 -3.52 4.09
C GLY A 139 10.84 -4.08 5.20
N ASP A 140 11.43 -3.24 6.05
CA ASP A 140 12.32 -3.69 7.12
C ASP A 140 11.54 -3.70 8.44
N ASN A 141 10.70 -4.72 8.59
CA ASN A 141 9.85 -4.81 9.77
C ASN A 141 10.66 -5.10 11.03
N ASP A 142 11.78 -5.80 10.91
CA ASP A 142 12.59 -6.11 12.08
C ASP A 142 13.14 -4.83 12.72
N ASN A 143 13.70 -3.94 11.90
CA ASN A 143 14.23 -2.68 12.44
C ASN A 143 13.11 -1.76 12.90
N ALA A 144 11.99 -1.73 12.17
CA ALA A 144 10.87 -0.92 12.59
C ALA A 144 10.36 -1.36 13.97
N LYS A 145 10.39 -2.67 14.23
CA LYS A 145 9.90 -3.18 15.51
C LYS A 145 10.78 -2.68 16.66
N LYS A 146 12.10 -2.74 16.49
CA LYS A 146 13.00 -2.24 17.52
C LYS A 146 12.76 -0.77 17.81
N VAL A 147 12.57 0.04 16.77
CA VAL A 147 12.39 1.47 16.95
C VAL A 147 11.17 1.73 17.84
N TYR A 148 10.06 1.08 17.54
CA TYR A 148 8.85 1.30 18.33
C TYR A 148 8.95 0.66 19.71
N GLU A 149 9.75 -0.41 19.84
CA GLU A 149 10.03 -0.93 21.17
C GLU A 149 10.84 0.06 21.99
N GLU A 150 11.83 0.69 21.36
CA GLU A 150 12.61 1.72 22.04
C GLU A 150 11.72 2.88 22.48
N VAL A 151 10.80 3.30 21.61
CA VAL A 151 9.91 4.41 21.94
C VAL A 151 9.01 4.03 23.12
N LEU A 152 8.44 2.83 23.09
CA LEU A 152 7.46 2.43 24.10
C LEU A 152 8.10 2.28 25.47
N SER A 153 9.37 1.90 25.54
CA SER A 153 10.03 1.79 26.83
C SER A 153 10.24 3.15 27.47
N VAL A 154 10.46 4.18 26.66
CA VAL A 154 10.60 5.54 27.17
C VAL A 154 9.25 6.23 27.32
N THR A 155 8.32 5.94 26.41
CA THR A 155 6.99 6.57 26.40
C THR A 155 5.96 5.46 26.18
N PRO A 156 5.56 4.77 27.24
CA PRO A 156 4.60 3.66 27.07
C PRO A 156 3.24 4.08 26.55
N ASN A 157 2.86 5.35 26.70
CA ASN A 157 1.52 5.80 26.32
C ASN A 157 1.45 6.37 24.91
N ASP A 158 2.53 6.36 24.14
CA ASP A 158 2.53 6.94 22.81
C ASP A 158 1.64 6.11 21.89
N GLY A 159 0.52 6.69 21.47
CA GLY A 159 -0.44 5.94 20.66
C GLY A 159 0.09 5.62 19.27
N PHE A 160 0.84 6.55 18.67
CA PHE A 160 1.40 6.31 17.35
C PHE A 160 2.31 5.08 17.36
N ALA A 161 3.19 5.00 18.36
CA ALA A 161 4.05 3.82 18.47
C ALA A 161 3.24 2.56 18.72
N LYS A 162 2.09 2.68 19.37
CA LYS A 162 1.29 1.51 19.71
C LYS A 162 0.66 0.90 18.46
N VAL A 163 -0.07 1.70 17.67
CA VAL A 163 -0.71 1.15 16.47
C VAL A 163 0.33 0.53 15.55
N HIS A 164 1.50 1.17 15.45
CA HIS A 164 2.52 0.66 14.54
C HIS A 164 3.17 -0.60 15.10
N TYR A 165 3.37 -0.65 16.42
CA TYR A 165 3.83 -1.89 17.04
C TYR A 165 2.80 -3.00 16.86
N GLY A 166 1.52 -2.66 17.08
CA GLY A 166 0.47 -3.64 16.84
C GLY A 166 0.43 -4.11 15.40
N PHE A 167 0.54 -3.16 14.45
CA PHE A 167 0.55 -3.52 13.03
C PHE A 167 1.69 -4.49 12.73
N ILE A 168 2.88 -4.23 13.28
CA ILE A 168 4.02 -5.11 13.03
C ILE A 168 3.75 -6.48 13.63
N LEU A 169 3.23 -6.53 14.86
CA LEU A 169 2.94 -7.81 15.48
C LEU A 169 1.96 -8.62 14.66
N LYS A 170 0.89 -7.99 14.18
CA LYS A 170 -0.10 -8.74 13.39
C LYS A 170 0.52 -9.27 12.11
N ALA A 171 1.33 -8.45 11.44
CA ALA A 171 2.02 -8.93 10.23
C ALA A 171 2.91 -10.13 10.53
N GLN A 172 3.41 -10.23 11.75
CA GLN A 172 4.19 -11.39 12.19
C GLN A 172 3.32 -12.55 12.65
N ASN A 173 2.01 -12.46 12.46
CA ASN A 173 1.07 -13.50 12.86
C ASN A 173 0.93 -13.61 14.37
N LYS A 174 1.34 -12.59 15.11
CA LYS A 174 1.15 -12.56 16.56
C LYS A 174 -0.19 -11.87 16.85
N ILE A 175 -1.25 -12.60 16.52
CA ILE A 175 -2.58 -12.02 16.44
C ILE A 175 -3.03 -11.53 17.81
N ALA A 176 -3.04 -12.43 18.80
CA ALA A 176 -3.49 -12.06 20.13
C ALA A 176 -2.69 -10.88 20.68
N GLU A 177 -1.36 -10.92 20.52
CA GLU A 177 -0.52 -9.87 21.06
C GLU A 177 -0.80 -8.51 20.42
N SER A 178 -1.18 -8.50 19.14
CA SER A 178 -1.34 -7.24 18.43
C SER A 178 -2.59 -6.49 18.84
N ILE A 179 -3.60 -7.21 19.34
CA ILE A 179 -4.91 -6.59 19.59
C ILE A 179 -4.80 -5.46 20.60
N PRO A 180 -4.25 -5.65 21.80
CA PRO A 180 -4.21 -4.53 22.76
C PRO A 180 -3.47 -3.31 22.22
N TYR A 181 -2.40 -3.52 21.44
CA TYR A 181 -1.65 -2.38 20.91
C TYR A 181 -2.46 -1.63 19.86
N LEU A 182 -3.07 -2.36 18.93
CA LEU A 182 -3.90 -1.72 17.91
C LEU A 182 -5.07 -0.99 18.55
N LYS A 183 -5.72 -1.62 19.54
CA LYS A 183 -6.91 -1.04 20.16
C LYS A 183 -6.55 0.18 21.01
N GLU A 184 -5.56 0.04 21.88
CA GLU A 184 -5.15 1.17 22.72
C GLU A 184 -4.59 2.31 21.87
N GLY A 185 -3.92 1.99 20.77
CA GLY A 185 -3.36 3.03 19.92
C GLY A 185 -4.42 3.85 19.23
N ILE A 186 -5.45 3.18 18.68
CA ILE A 186 -6.56 3.91 18.06
C ILE A 186 -7.31 4.72 19.11
N GLU A 187 -7.58 4.10 20.27
CA GLU A 187 -8.31 4.79 21.32
C GLU A 187 -7.55 6.01 21.83
N SER A 188 -6.21 6.01 21.68
CA SER A 188 -5.42 7.13 22.17
C SER A 188 -5.82 8.43 21.49
N GLY A 189 -6.21 8.38 20.22
CA GLY A 189 -6.55 9.57 19.48
C GLY A 189 -5.36 10.42 19.10
N ASP A 190 -4.14 9.95 19.31
CA ASP A 190 -2.96 10.73 18.96
C ASP A 190 -2.92 10.93 17.44
N PRO A 191 -2.26 12.00 16.98
CA PRO A 191 -2.11 12.20 15.53
C PRO A 191 -1.47 10.99 14.88
N GLY A 192 -2.09 10.50 13.80
CA GLY A 192 -1.60 9.36 13.07
C GLY A 192 -2.27 8.04 13.40
N THR A 193 -3.02 7.97 14.50
CA THR A 193 -3.67 6.72 14.88
C THR A 193 -4.99 6.50 14.15
N ASP A 194 -5.59 7.56 13.61
CA ASP A 194 -6.86 7.45 12.90
C ASP A 194 -6.57 7.11 11.45
N ASP A 195 -6.22 5.84 11.23
CA ASP A 195 -5.79 5.35 9.92
C ASP A 195 -6.52 4.05 9.62
N GLY A 196 -7.10 3.96 8.42
CA GLY A 196 -7.87 2.79 8.05
C GLY A 196 -7.13 1.48 8.24
N ARG A 197 -5.80 1.50 8.06
CA ARG A 197 -5.02 0.28 8.20
C ARG A 197 -5.19 -0.34 9.56
N PHE A 198 -5.17 0.47 10.62
CA PHE A 198 -5.25 -0.06 11.97
C PHE A 198 -6.66 -0.51 12.32
N TYR A 199 -7.69 0.16 11.79
CA TYR A 199 -9.04 -0.36 11.90
C TYR A 199 -9.18 -1.69 11.18
N PHE A 200 -8.67 -1.75 9.94
CA PHE A 200 -8.78 -2.96 9.14
C PHE A 200 -8.13 -4.15 9.85
N HIS A 201 -6.92 -3.95 10.38
CA HIS A 201 -6.17 -5.06 10.94
C HIS A 201 -6.62 -5.40 12.35
N LEU A 202 -7.10 -4.42 13.12
CA LEU A 202 -7.62 -4.73 14.45
C LEU A 202 -8.85 -5.62 14.36
N GLY A 203 -9.75 -5.32 13.42
CA GLY A 203 -10.94 -6.15 13.26
C GLY A 203 -10.60 -7.54 12.74
N ASP A 204 -9.63 -7.62 11.82
CA ASP A 204 -9.21 -8.92 11.32
C ASP A 204 -8.64 -9.77 12.45
N ALA A 205 -7.72 -9.20 13.23
CA ALA A 205 -7.13 -9.94 14.34
C ALA A 205 -8.20 -10.44 15.30
N MET A 206 -9.23 -9.63 15.55
CA MET A 206 -10.30 -10.06 16.44
C MET A 206 -11.09 -11.22 15.85
N GLN A 207 -11.39 -11.17 14.54
CA GLN A 207 -12.10 -12.27 13.90
C GLN A 207 -11.34 -13.57 14.06
N ARG A 208 -10.01 -13.52 13.91
CA ARG A 208 -9.21 -14.74 13.95
C ARG A 208 -9.18 -15.37 15.35
N VAL A 209 -9.40 -14.59 16.40
CA VAL A 209 -9.40 -15.11 17.76
C VAL A 209 -10.80 -15.38 18.27
N GLY A 210 -11.83 -15.15 17.46
CA GLY A 210 -13.20 -15.38 17.89
C GLY A 210 -13.82 -14.25 18.67
N ASN A 211 -13.17 -13.09 18.74
CA ASN A 211 -13.73 -11.94 19.45
C ASN A 211 -14.86 -11.34 18.61
N LYS A 212 -16.05 -11.25 19.21
CA LYS A 212 -17.22 -10.73 18.52
C LYS A 212 -17.23 -9.20 18.43
N GLU A 213 -16.26 -8.52 19.03
CA GLU A 213 -16.17 -7.07 19.00
C GLU A 213 -15.58 -6.55 17.69
N ALA A 214 -15.17 -7.43 16.78
CA ALA A 214 -14.46 -7.01 15.58
C ALA A 214 -15.29 -6.03 14.75
N TYR A 215 -16.56 -6.38 14.51
CA TYR A 215 -17.38 -5.59 13.62
C TYR A 215 -17.73 -4.21 14.20
N LYS A 216 -17.61 -4.04 15.52
CA LYS A 216 -17.74 -2.71 16.09
C LYS A 216 -16.65 -1.79 15.56
N TRP A 217 -15.44 -2.32 15.41
CA TRP A 217 -14.34 -1.54 14.86
C TRP A 217 -14.50 -1.30 13.37
N TYR A 218 -15.06 -2.28 12.64
CA TYR A 218 -15.40 -2.06 11.25
C TYR A 218 -16.43 -0.94 11.11
N GLU A 219 -17.44 -0.93 11.97
CA GLU A 219 -18.45 0.12 11.92
C GLU A 219 -17.84 1.49 12.25
N LEU A 220 -16.91 1.53 13.20
CA LEU A 220 -16.27 2.79 13.56
C LEU A 220 -15.36 3.28 12.44
N GLY A 221 -14.61 2.36 11.82
CA GLY A 221 -13.82 2.73 10.65
C GLY A 221 -14.68 3.27 9.53
N HIS A 222 -15.81 2.60 9.25
CA HIS A 222 -16.76 3.12 8.28
C HIS A 222 -17.29 4.49 8.71
N LYS A 223 -17.53 4.67 10.01
CA LYS A 223 -18.07 5.94 10.49
C LYS A 223 -17.06 7.08 10.35
N ARG A 224 -15.77 6.77 10.35
CA ARG A 224 -14.72 7.78 10.19
C ARG A 224 -14.18 7.84 8.76
N GLY A 225 -14.90 7.27 7.80
CA GLY A 225 -14.59 7.47 6.39
C GLY A 225 -13.44 6.65 5.87
N HIS A 226 -12.98 5.63 6.59
CA HIS A 226 -11.90 4.78 6.08
C HIS A 226 -12.44 3.68 5.18
N PHE A 227 -13.61 3.14 5.51
CA PHE A 227 -14.22 2.05 4.76
C PHE A 227 -15.48 2.53 4.06
N ALA A 228 -15.62 2.14 2.80
CA ALA A 228 -16.84 2.46 2.06
C ALA A 228 -18.07 1.89 2.74
N SER A 229 -17.93 0.74 3.39
CA SER A 229 -19.01 0.12 4.14
C SER A 229 -18.40 -0.86 5.13
N VAL A 230 -19.25 -1.47 5.96
CA VAL A 230 -18.77 -2.44 6.93
C VAL A 230 -18.26 -3.68 6.21
N TRP A 231 -18.88 -4.05 5.09
CA TRP A 231 -18.49 -5.26 4.36
C TRP A 231 -17.40 -5.00 3.34
N GLN A 232 -17.31 -3.80 2.79
CA GLN A 232 -16.31 -3.45 1.78
C GLN A 232 -15.25 -2.58 2.44
N ARG A 233 -14.09 -3.17 2.74
CA ARG A 233 -13.09 -2.53 3.57
C ARG A 233 -11.76 -2.33 2.86
N SER A 234 -11.76 -2.24 1.53
CA SER A 234 -10.54 -1.92 0.80
C SER A 234 -10.12 -0.48 1.10
N LEU A 235 -8.81 -0.22 1.00
CA LEU A 235 -8.25 1.07 1.37
C LEU A 235 -7.74 1.90 0.20
N TYR A 236 -7.49 1.29 -0.96
CA TYR A 236 -7.03 2.00 -2.14
C TYR A 236 -8.19 2.03 -3.13
N ASN A 237 -9.04 3.04 -2.99
CA ASN A 237 -10.34 3.06 -3.64
C ASN A 237 -10.49 4.28 -4.55
N VAL A 238 -11.27 4.11 -5.61
CA VAL A 238 -11.80 5.20 -6.41
C VAL A 238 -13.28 5.33 -6.03
N ASN A 239 -13.63 6.41 -5.36
CA ASN A 239 -14.98 6.57 -4.83
C ASN A 239 -16.00 6.61 -5.96
N GLY A 240 -17.19 6.08 -5.69
CA GLY A 240 -18.29 6.13 -6.61
C GLY A 240 -18.47 4.88 -7.47
N LEU A 241 -17.49 3.98 -7.48
CA LEU A 241 -17.61 2.77 -8.27
C LEU A 241 -18.70 1.86 -7.70
N LYS A 242 -19.58 1.38 -8.59
CA LYS A 242 -20.63 0.46 -8.18
C LYS A 242 -20.06 -0.65 -7.31
N ALA A 243 -20.71 -0.89 -6.17
CA ALA A 243 -20.22 -1.81 -5.15
C ALA A 243 -21.30 -2.85 -4.87
N GLN A 244 -21.01 -4.10 -5.25
CA GLN A 244 -21.87 -5.23 -4.93
C GLN A 244 -20.99 -6.48 -4.82
N PRO A 245 -21.34 -7.41 -3.93
CA PRO A 245 -20.46 -8.58 -3.76
C PRO A 245 -20.32 -9.45 -5.00
N TRP A 246 -21.43 -9.78 -5.65
CA TRP A 246 -21.45 -10.71 -6.76
C TRP A 246 -21.90 -10.01 -8.04
N TRP A 247 -21.26 -10.35 -9.15
CA TRP A 247 -21.54 -9.78 -10.46
C TRP A 247 -21.89 -10.88 -11.45
N THR A 248 -22.78 -10.55 -12.38
CA THR A 248 -23.02 -11.41 -13.53
C THR A 248 -22.17 -10.96 -14.71
N PRO A 249 -21.87 -11.86 -15.65
CA PRO A 249 -21.13 -11.43 -16.85
C PRO A 249 -21.74 -10.22 -17.53
N LYS A 250 -23.06 -10.18 -17.67
CA LYS A 250 -23.71 -9.03 -18.30
C LYS A 250 -23.40 -7.75 -17.52
N GLU A 251 -23.51 -7.81 -16.19
CA GLU A 251 -23.30 -6.61 -15.39
C GLU A 251 -21.88 -6.06 -15.57
N THR A 252 -20.90 -6.93 -15.74
CA THR A 252 -19.53 -6.46 -15.91
C THR A 252 -19.27 -5.92 -17.31
N GLY A 253 -20.05 -6.34 -18.30
CA GLY A 253 -19.81 -5.96 -19.68
C GLY A 253 -18.68 -6.70 -20.36
N TYR A 254 -17.96 -7.56 -19.64
CA TYR A 254 -16.87 -8.34 -20.22
C TYR A 254 -17.36 -9.70 -20.72
N THR A 255 -18.41 -9.68 -21.55
CA THR A 255 -19.02 -10.93 -22.00
C THR A 255 -18.09 -11.72 -22.90
N GLU A 256 -17.30 -11.03 -23.74
CA GLU A 256 -16.41 -11.74 -24.64
C GLU A 256 -15.31 -12.46 -23.89
N LEU A 257 -14.75 -11.83 -22.85
CA LEU A 257 -13.76 -12.50 -22.02
C LEU A 257 -14.36 -13.75 -21.37
N VAL A 258 -15.54 -13.62 -20.78
CA VAL A 258 -16.19 -14.75 -20.12
C VAL A 258 -16.43 -15.87 -21.12
N LYS A 259 -16.99 -15.54 -22.29
CA LYS A 259 -17.22 -16.55 -23.31
C LYS A 259 -15.93 -17.28 -23.67
N SER A 260 -14.83 -16.54 -23.83
CA SER A 260 -13.57 -17.16 -24.20
C SER A 260 -13.07 -18.09 -23.09
N LEU A 261 -13.25 -17.71 -21.83
CA LEU A 261 -12.82 -18.56 -20.73
C LEU A 261 -13.66 -19.83 -20.66
N GLU A 262 -14.97 -19.70 -20.83
CA GLU A 262 -15.85 -20.86 -20.69
C GLU A 262 -15.76 -21.78 -21.90
N ARG A 263 -15.59 -21.20 -23.10
CA ARG A 263 -15.53 -22.02 -24.31
C ARG A 263 -14.22 -22.80 -24.39
N ASN A 264 -13.12 -22.24 -23.88
CA ASN A 264 -11.80 -22.86 -23.94
C ASN A 264 -11.33 -23.40 -22.60
N TRP A 265 -12.25 -23.64 -21.66
CA TRP A 265 -11.84 -23.95 -20.30
C TRP A 265 -11.00 -25.22 -20.22
N LYS A 266 -11.22 -26.17 -21.13
CA LYS A 266 -10.50 -27.44 -21.03
C LYS A 266 -9.02 -27.28 -21.32
N LEU A 267 -8.65 -26.44 -22.29
CA LEU A 267 -7.23 -26.21 -22.55
C LEU A 267 -6.59 -25.47 -21.39
N ILE A 268 -7.33 -24.54 -20.78
CA ILE A 268 -6.82 -23.85 -19.60
C ILE A 268 -6.56 -24.85 -18.48
N ARG A 269 -7.54 -25.74 -18.25
CA ARG A 269 -7.35 -26.80 -17.27
C ARG A 269 -6.12 -27.63 -17.58
N ASP A 270 -6.00 -28.09 -18.82
CA ASP A 270 -4.97 -29.08 -19.15
C ASP A 270 -3.58 -28.50 -18.99
N GLU A 271 -3.38 -27.23 -19.37
CA GLU A 271 -2.07 -26.62 -19.18
C GLU A 271 -1.75 -26.44 -17.70
N GLY A 272 -2.76 -26.15 -16.88
CA GLY A 272 -2.54 -26.11 -15.44
C GLY A 272 -2.17 -27.47 -14.88
N LEU A 273 -2.85 -28.51 -15.34
CA LEU A 273 -2.53 -29.86 -14.87
C LEU A 273 -1.14 -30.28 -15.32
N ALA A 274 -0.73 -29.88 -16.52
CA ALA A 274 0.61 -30.23 -16.99
C ALA A 274 1.68 -29.59 -16.12
N VAL A 275 1.43 -28.35 -15.68
CA VAL A 275 2.37 -27.70 -14.78
C VAL A 275 2.37 -28.40 -13.42
N MET A 276 1.20 -28.80 -12.94
CA MET A 276 1.15 -29.55 -11.68
C MET A 276 1.96 -30.83 -11.76
N ASP A 277 1.94 -31.50 -12.91
CA ASP A 277 2.58 -32.82 -13.02
C ASP A 277 4.07 -32.71 -13.28
N LYS A 278 4.49 -31.75 -14.10
CA LYS A 278 5.86 -31.70 -14.60
C LYS A 278 6.61 -30.43 -14.23
N ALA A 279 5.94 -29.46 -13.59
CA ALA A 279 6.61 -28.23 -13.19
C ALA A 279 5.93 -27.65 -11.97
N LYS A 280 5.78 -28.48 -10.93
CA LYS A 280 5.00 -28.07 -9.76
C LYS A 280 5.64 -26.90 -9.02
N GLY A 281 6.96 -26.71 -9.16
CA GLY A 281 7.61 -25.59 -8.52
C GLY A 281 7.10 -24.24 -8.98
N LEU A 282 6.45 -24.18 -10.15
CA LEU A 282 5.86 -22.94 -10.61
C LEU A 282 4.68 -22.51 -9.74
N PHE A 283 4.06 -23.46 -9.03
CA PHE A 283 3.03 -23.13 -8.06
C PHE A 283 3.71 -22.72 -6.75
N LEU A 284 3.41 -21.49 -6.28
CA LEU A 284 4.02 -20.97 -5.06
C LEU A 284 2.98 -20.86 -3.95
N PRO A 285 3.33 -21.25 -2.71
CA PRO A 285 2.35 -21.15 -1.63
C PRO A 285 1.90 -19.72 -1.40
N GLU A 286 0.61 -19.56 -1.09
CA GLU A 286 0.09 -18.27 -0.66
C GLU A 286 0.90 -17.76 0.53
N ASP A 287 1.38 -16.51 0.42
CA ASP A 287 2.34 -15.97 1.37
C ASP A 287 1.85 -14.68 2.03
N GLU A 288 0.54 -14.57 2.25
CA GLU A 288 -0.04 -13.38 2.86
C GLU A 288 -0.73 -13.70 4.19
N ASN A 289 -0.44 -14.86 4.77
CA ASN A 289 -0.97 -15.22 6.09
C ASN A 289 -2.50 -15.22 6.09
N LEU A 290 -3.09 -15.65 4.97
CA LEU A 290 -4.55 -15.66 4.85
C LEU A 290 -5.18 -16.99 5.25
N ARG A 291 -4.38 -18.02 5.51
CA ARG A 291 -4.89 -19.35 5.81
C ARG A 291 -4.93 -19.58 7.32
N GLU A 292 -6.05 -20.10 7.81
CA GLU A 292 -6.05 -20.72 9.12
C GLU A 292 -5.32 -22.06 9.09
N LYS A 293 -5.47 -22.80 8.01
CA LYS A 293 -4.91 -24.15 7.88
C LYS A 293 -5.00 -24.56 6.42
N GLY A 294 -4.30 -25.63 6.08
CA GLY A 294 -4.39 -26.24 4.77
C GLY A 294 -3.29 -25.81 3.82
N ASP A 295 -3.43 -26.27 2.58
CA ASP A 295 -2.45 -26.06 1.52
C ASP A 295 -3.09 -25.29 0.38
N TRP A 296 -2.44 -24.21 -0.04
CA TRP A 296 -2.97 -23.31 -1.05
C TRP A 296 -1.79 -22.72 -1.81
N SER A 297 -1.76 -22.94 -3.13
CA SER A 297 -0.66 -22.48 -3.96
C SER A 297 -1.21 -21.87 -5.25
N GLN A 298 -0.40 -21.01 -5.86
CA GLN A 298 -0.82 -20.24 -7.02
C GLN A 298 0.28 -20.20 -8.06
N PHE A 299 -0.13 -20.25 -9.33
CA PHE A 299 0.77 -20.20 -10.47
C PHE A 299 0.39 -18.97 -11.29
N THR A 300 1.21 -17.93 -11.22
CA THR A 300 0.84 -16.60 -11.68
C THR A 300 1.40 -16.34 -13.08
N LEU A 301 0.52 -15.94 -14.00
CA LEU A 301 0.89 -15.60 -15.36
C LEU A 301 1.04 -14.09 -15.58
N TRP A 302 0.20 -13.29 -14.93
CA TRP A 302 0.26 -11.83 -15.00
C TRP A 302 0.16 -11.26 -13.60
N GLN A 303 0.93 -10.20 -13.35
CA GLN A 303 0.80 -9.45 -12.10
C GLN A 303 1.12 -8.00 -12.40
N GLN A 304 0.32 -7.10 -11.83
CA GLN A 304 0.50 -5.65 -12.03
C GLN A 304 0.59 -5.33 -13.52
N GLY A 305 -0.25 -6.00 -14.31
CA GLY A 305 -0.29 -5.76 -15.74
C GLY A 305 0.94 -6.21 -16.50
N ARG A 306 1.83 -6.99 -15.89
CA ARG A 306 3.06 -7.43 -16.52
C ARG A 306 3.04 -8.94 -16.71
N ARG A 307 3.27 -9.37 -17.94
CA ARG A 307 3.33 -10.79 -18.25
C ARG A 307 4.62 -11.40 -17.71
N ASN A 308 4.50 -12.57 -17.09
CA ASN A 308 5.67 -13.34 -16.64
C ASN A 308 6.04 -14.29 -17.77
N GLU A 309 7.11 -13.96 -18.49
CA GLU A 309 7.48 -14.71 -19.69
C GLU A 309 7.78 -16.17 -19.36
N ASN A 310 8.55 -16.40 -18.29
CA ASN A 310 8.91 -17.78 -17.94
C ASN A 310 7.68 -18.57 -17.52
N ALA A 311 6.78 -17.95 -16.76
CA ALA A 311 5.57 -18.63 -16.33
C ALA A 311 4.71 -19.03 -17.52
N CYS A 312 4.64 -18.18 -18.54
CA CYS A 312 3.80 -18.48 -19.69
C CYS A 312 4.34 -19.64 -20.52
N LYS A 313 5.62 -19.99 -20.37
CA LYS A 313 6.13 -21.21 -20.98
C LYS A 313 5.29 -22.42 -20.57
N GLY A 314 4.75 -22.41 -19.35
CA GLY A 314 3.99 -23.53 -18.86
C GLY A 314 2.53 -23.52 -19.28
N ALA A 315 2.03 -22.39 -19.76
CA ALA A 315 0.65 -22.27 -20.23
C ALA A 315 0.62 -21.39 -21.47
N PRO A 316 1.33 -21.79 -22.53
CA PRO A 316 1.47 -20.90 -23.69
C PRO A 316 0.16 -20.63 -24.42
N LYS A 317 -0.68 -21.63 -24.59
CA LYS A 317 -1.96 -21.39 -25.27
C LYS A 317 -2.86 -20.50 -24.44
N THR A 318 -2.87 -20.70 -23.12
CA THR A 318 -3.67 -19.85 -22.25
C THR A 318 -3.21 -18.41 -22.31
N CYS A 319 -1.89 -18.18 -22.25
CA CYS A 319 -1.38 -16.82 -22.34
C CYS A 319 -1.70 -16.19 -23.68
N THR A 320 -1.62 -16.98 -24.77
CA THR A 320 -1.99 -16.46 -26.08
C THR A 320 -3.47 -16.10 -26.12
N LEU A 321 -4.32 -16.94 -25.53
CA LEU A 321 -5.75 -16.67 -25.50
C LEU A 321 -6.05 -15.36 -24.77
N LEU A 322 -5.35 -15.11 -23.67
CA LEU A 322 -5.62 -13.93 -22.84
C LEU A 322 -5.08 -12.64 -23.43
N GLU A 323 -4.05 -12.72 -24.28
CA GLU A 323 -3.50 -11.52 -24.91
C GLU A 323 -4.57 -10.69 -25.61
N LYS A 324 -5.68 -11.32 -26.01
CA LYS A 324 -6.74 -10.62 -26.73
C LYS A 324 -7.55 -9.68 -25.84
N PHE A 325 -7.39 -9.75 -24.51
CA PHE A 325 -8.27 -9.06 -23.58
C PHE A 325 -7.46 -8.11 -22.70
N PRO A 326 -7.22 -6.87 -23.15
CA PRO A 326 -6.43 -5.94 -22.32
C PRO A 326 -7.12 -5.55 -21.03
N GLU A 327 -8.42 -5.80 -20.89
CA GLU A 327 -9.12 -5.47 -19.65
C GLU A 327 -8.58 -6.29 -18.48
N THR A 328 -7.97 -7.44 -18.74
CA THR A 328 -7.32 -8.22 -17.68
C THR A 328 -5.80 -8.18 -17.76
N THR A 329 -5.21 -8.30 -18.95
CA THR A 329 -3.76 -8.29 -19.04
C THR A 329 -3.19 -6.92 -18.69
N GLY A 330 -3.99 -5.87 -18.87
CA GLY A 330 -3.59 -4.53 -18.51
C GLY A 330 -4.04 -4.09 -17.13
N CYS A 331 -4.68 -4.97 -16.37
CA CYS A 331 -5.12 -4.62 -15.01
C CYS A 331 -3.91 -4.59 -14.09
N ARG A 332 -3.37 -3.39 -13.87
CA ARG A 332 -2.20 -3.23 -13.02
C ARG A 332 -2.54 -3.31 -11.53
N ARG A 333 -3.80 -3.55 -11.19
CA ARG A 333 -4.22 -3.80 -9.81
C ARG A 333 -4.85 -5.19 -9.68
N GLY A 334 -4.41 -6.13 -10.51
CA GLY A 334 -4.90 -7.49 -10.45
C GLY A 334 -3.86 -8.46 -10.96
N GLN A 335 -4.25 -9.73 -11.04
CA GLN A 335 -3.36 -10.77 -11.54
C GLN A 335 -4.15 -11.71 -12.44
N ILE A 336 -3.42 -12.63 -13.06
CA ILE A 336 -3.98 -13.80 -13.72
C ILE A 336 -3.18 -14.99 -13.25
N LYS A 337 -3.88 -16.01 -12.73
CA LYS A 337 -3.15 -17.08 -12.05
C LYS A 337 -4.05 -18.30 -11.86
N TYR A 338 -3.42 -19.47 -11.91
CA TYR A 338 -4.05 -20.69 -11.42
C TYR A 338 -3.95 -20.72 -9.90
N SER A 339 -4.98 -21.29 -9.27
CA SER A 339 -5.03 -21.42 -7.82
C SER A 339 -5.47 -22.83 -7.45
N ILE A 340 -4.60 -23.56 -6.77
CA ILE A 340 -4.89 -24.91 -6.32
C ILE A 340 -5.04 -24.91 -4.81
N MET A 341 -6.10 -25.54 -4.32
CA MET A 341 -6.38 -25.64 -2.90
C MET A 341 -6.76 -27.07 -2.58
N HIS A 342 -6.19 -27.59 -1.49
CA HIS A 342 -6.35 -28.98 -1.13
C HIS A 342 -7.26 -29.14 0.09
N PRO A 343 -7.78 -30.34 0.35
CA PRO A 343 -8.67 -30.53 1.50
C PRO A 343 -8.01 -30.14 2.82
N GLY A 344 -8.86 -29.81 3.79
CA GLY A 344 -8.38 -29.35 5.07
C GLY A 344 -7.94 -27.91 5.11
N THR A 345 -8.39 -27.10 4.16
CA THR A 345 -7.97 -25.71 4.03
C THR A 345 -9.12 -24.78 4.37
N HIS A 346 -8.81 -23.76 5.17
CA HIS A 346 -9.74 -22.69 5.48
C HIS A 346 -9.01 -21.37 5.36
N VAL A 347 -9.55 -20.46 4.54
CA VAL A 347 -8.98 -19.13 4.35
C VAL A 347 -9.76 -18.17 5.23
N TRP A 348 -9.04 -17.46 6.10
CA TRP A 348 -9.66 -16.48 6.98
C TRP A 348 -10.53 -15.52 6.19
N PRO A 349 -11.59 -14.98 6.77
CA PRO A 349 -12.27 -13.84 6.15
C PRO A 349 -11.28 -12.73 5.88
N HIS A 350 -11.33 -12.17 4.68
CA HIS A 350 -10.37 -11.14 4.31
C HIS A 350 -10.95 -10.28 3.18
N THR A 351 -10.27 -9.16 2.95
CA THR A 351 -10.65 -8.18 1.96
C THR A 351 -9.43 -7.86 1.11
N GLY A 352 -9.65 -7.61 -0.18
CA GLY A 352 -8.57 -7.21 -1.06
C GLY A 352 -8.21 -5.75 -0.85
N PRO A 353 -7.12 -5.30 -1.48
CA PRO A 353 -6.63 -3.94 -1.20
C PRO A 353 -7.40 -2.82 -1.90
N THR A 354 -8.04 -3.13 -3.03
CA THR A 354 -8.59 -2.08 -3.88
C THR A 354 -10.00 -2.45 -4.34
N ASN A 355 -10.83 -1.43 -4.56
CA ASN A 355 -12.13 -1.61 -5.16
C ASN A 355 -12.09 -1.39 -6.67
N CYS A 356 -10.90 -1.31 -7.26
CA CYS A 356 -10.73 -0.99 -8.66
C CYS A 356 -10.69 -2.22 -9.57
N ARG A 357 -10.93 -3.41 -9.02
CA ARG A 357 -10.88 -4.64 -9.79
C ARG A 357 -12.06 -5.52 -9.44
N LEU A 358 -12.41 -6.39 -10.39
CA LEU A 358 -13.33 -7.50 -10.15
C LEU A 358 -12.58 -8.80 -10.39
N ARG A 359 -13.04 -9.86 -9.75
CA ARG A 359 -12.35 -11.14 -9.73
C ARG A 359 -13.19 -12.18 -10.45
N MET A 360 -12.64 -12.78 -11.50
CA MET A 360 -13.28 -13.88 -12.21
C MET A 360 -12.64 -15.20 -11.81
N HIS A 361 -13.47 -16.17 -11.41
CA HIS A 361 -13.02 -17.51 -11.06
C HIS A 361 -13.59 -18.49 -12.08
N LEU A 362 -12.72 -19.15 -12.84
CA LEU A 362 -13.12 -20.20 -13.77
C LEU A 362 -12.83 -21.55 -13.14
N GLY A 363 -13.86 -22.38 -12.99
CA GLY A 363 -13.67 -23.70 -12.44
C GLY A 363 -12.97 -24.62 -13.43
N LEU A 364 -11.93 -25.30 -12.98
CA LEU A 364 -11.17 -26.23 -13.80
C LEU A 364 -11.25 -27.66 -13.30
N VAL A 365 -10.98 -27.88 -12.02
CA VAL A 365 -11.18 -29.17 -11.38
C VAL A 365 -11.89 -28.88 -10.06
N ILE A 366 -13.18 -29.20 -10.00
CA ILE A 366 -14.01 -28.87 -8.85
C ILE A 366 -14.59 -30.16 -8.28
N PRO A 367 -14.14 -30.64 -7.12
CA PRO A 367 -14.78 -31.81 -6.52
C PRO A 367 -16.26 -31.58 -6.28
N LYS A 368 -17.00 -32.69 -6.22
CA LYS A 368 -18.46 -32.61 -6.09
C LYS A 368 -18.86 -31.82 -4.86
N GLU A 369 -18.23 -32.07 -3.71
CA GLU A 369 -18.60 -31.44 -2.46
C GLU A 369 -17.34 -31.04 -1.69
N GLY A 370 -17.50 -30.05 -0.82
CA GLY A 370 -16.45 -29.63 0.08
C GLY A 370 -15.87 -28.26 -0.21
N CYS A 371 -16.12 -27.70 -1.40
CA CYS A 371 -15.52 -26.44 -1.81
C CYS A 371 -16.61 -25.37 -1.91
N LYS A 372 -16.39 -24.24 -1.25
CA LYS A 372 -17.33 -23.13 -1.32
C LYS A 372 -16.61 -21.84 -1.00
N ILE A 373 -17.22 -20.74 -1.45
CA ILE A 373 -16.67 -19.40 -1.23
C ILE A 373 -17.81 -18.48 -0.82
N ARG A 374 -17.62 -17.76 0.28
CA ARG A 374 -18.57 -16.76 0.74
C ARG A 374 -18.02 -15.38 0.45
N CYS A 375 -18.85 -14.52 -0.14
CA CYS A 375 -18.55 -13.10 -0.29
C CYS A 375 -19.71 -12.33 0.29
N ALA A 376 -19.42 -11.47 1.27
CA ALA A 376 -20.44 -10.76 2.03
C ALA A 376 -21.24 -11.82 2.78
N ASN A 377 -22.56 -11.90 2.63
CA ASN A 377 -23.39 -12.85 3.36
C ASN A 377 -23.87 -14.00 2.47
N GLU A 378 -23.31 -14.15 1.28
CA GLU A 378 -23.78 -15.12 0.30
C GLU A 378 -22.67 -16.11 -0.03
N THR A 379 -22.99 -17.40 0.05
CA THR A 379 -22.03 -18.46 -0.24
C THR A 379 -22.37 -19.12 -1.57
N LYS A 380 -21.35 -19.38 -2.38
CA LYS A 380 -21.52 -19.99 -3.68
C LYS A 380 -20.44 -21.03 -3.90
N THR A 381 -20.62 -21.84 -4.95
CA THR A 381 -19.70 -22.90 -5.32
C THR A 381 -19.23 -22.71 -6.74
N TRP A 382 -18.06 -23.25 -7.04
CA TRP A 382 -17.53 -23.25 -8.39
C TRP A 382 -18.15 -24.36 -9.21
N GLU A 383 -18.02 -24.22 -10.54
CA GLU A 383 -18.44 -25.26 -11.47
C GLU A 383 -17.38 -25.36 -12.56
N GLU A 384 -17.06 -26.59 -12.95
CA GLU A 384 -16.08 -26.81 -14.00
C GLU A 384 -16.57 -26.20 -15.31
N GLY A 385 -15.76 -25.33 -15.89
CA GLY A 385 -16.12 -24.65 -17.12
C GLY A 385 -17.00 -23.43 -16.95
N LYS A 386 -17.23 -22.96 -15.73
CA LYS A 386 -18.09 -21.82 -15.48
C LYS A 386 -17.34 -20.76 -14.70
N VAL A 387 -17.74 -19.51 -14.91
CA VAL A 387 -17.07 -18.34 -14.35
C VAL A 387 -17.93 -17.78 -13.23
N LEU A 388 -17.33 -17.57 -12.06
CA LEU A 388 -17.89 -16.75 -11.00
C LEU A 388 -17.20 -15.40 -11.00
N ILE A 389 -17.95 -14.36 -10.64
CA ILE A 389 -17.43 -13.00 -10.58
C ILE A 389 -17.85 -12.38 -9.27
N PHE A 390 -16.89 -11.81 -8.53
CA PHE A 390 -17.19 -11.14 -7.28
C PHE A 390 -16.19 -10.01 -7.06
N ASP A 391 -16.58 -9.08 -6.19
CA ASP A 391 -15.76 -7.92 -5.84
C ASP A 391 -15.03 -8.28 -4.55
N ASP A 392 -13.74 -8.60 -4.66
CA ASP A 392 -13.00 -9.08 -3.50
C ASP A 392 -12.65 -7.98 -2.52
N SER A 393 -13.02 -6.72 -2.81
CA SER A 393 -12.95 -5.68 -1.79
C SER A 393 -14.01 -5.86 -0.72
N PHE A 394 -14.99 -6.72 -0.96
CA PHE A 394 -15.91 -7.20 0.07
C PHE A 394 -15.30 -8.37 0.80
N GLU A 395 -15.57 -8.45 2.11
CA GLU A 395 -15.09 -9.58 2.90
C GLU A 395 -15.52 -10.89 2.25
N HIS A 396 -14.57 -11.82 2.13
CA HIS A 396 -14.90 -13.12 1.57
C HIS A 396 -14.08 -14.19 2.27
N GLU A 397 -14.57 -15.42 2.17
CA GLU A 397 -14.05 -16.55 2.94
C GLU A 397 -14.18 -17.81 2.08
N VAL A 398 -13.23 -18.73 2.25
CA VAL A 398 -13.17 -19.93 1.42
C VAL A 398 -12.88 -21.15 2.29
N TRP A 399 -13.51 -22.26 1.94
CA TRP A 399 -13.28 -23.55 2.59
C TRP A 399 -12.96 -24.61 1.54
N GLN A 400 -12.20 -25.62 1.94
CA GLN A 400 -11.90 -26.76 1.09
C GLN A 400 -11.96 -28.01 1.98
N ASP A 401 -13.09 -28.72 1.92
CA ASP A 401 -13.29 -29.92 2.72
C ASP A 401 -13.67 -31.12 1.85
N ALA A 402 -13.14 -31.14 0.62
CA ALA A 402 -13.39 -32.25 -0.29
C ALA A 402 -12.43 -33.39 0.01
N SER A 403 -12.28 -34.34 -0.93
CA SER A 403 -11.36 -35.45 -0.77
C SER A 403 -10.24 -35.43 -1.81
N SER A 404 -10.14 -34.36 -2.60
CA SER A 404 -9.10 -34.23 -3.60
C SER A 404 -8.96 -32.75 -3.92
N PHE A 405 -8.01 -32.43 -4.80
CA PHE A 405 -7.62 -31.04 -5.01
C PHE A 405 -8.67 -30.29 -5.83
N ARG A 406 -8.72 -28.97 -5.60
CA ARG A 406 -9.60 -28.07 -6.33
C ARG A 406 -8.74 -27.06 -7.07
N LEU A 407 -8.90 -26.98 -8.39
CA LEU A 407 -8.13 -26.09 -9.24
C LEU A 407 -9.06 -25.10 -9.90
N ILE A 408 -8.72 -23.81 -9.82
CA ILE A 408 -9.47 -22.75 -10.48
C ILE A 408 -8.49 -21.83 -11.19
N PHE A 409 -9.03 -21.03 -12.11
CA PHE A 409 -8.28 -20.03 -12.85
C PHE A 409 -8.85 -18.67 -12.47
N ILE A 410 -7.98 -17.74 -12.06
CA ILE A 410 -8.38 -16.44 -11.53
C ILE A 410 -7.94 -15.36 -12.49
N VAL A 411 -8.89 -14.56 -12.96
CA VAL A 411 -8.65 -13.51 -13.96
C VAL A 411 -9.21 -12.21 -13.40
N ASP A 412 -8.34 -11.25 -13.13
CA ASP A 412 -8.75 -9.96 -12.61
C ASP A 412 -8.97 -8.97 -13.75
N VAL A 413 -10.03 -8.17 -13.65
CA VAL A 413 -10.35 -7.15 -14.63
C VAL A 413 -10.53 -5.81 -13.93
N TRP A 414 -10.21 -4.74 -14.63
CA TRP A 414 -10.55 -3.40 -14.18
C TRP A 414 -12.03 -3.33 -13.86
N HIS A 415 -12.37 -2.59 -12.80
CA HIS A 415 -13.76 -2.27 -12.56
C HIS A 415 -14.35 -1.65 -13.84
N PRO A 416 -15.49 -2.14 -14.33
CA PRO A 416 -15.97 -1.67 -15.64
C PRO A 416 -16.18 -0.17 -15.72
N GLU A 417 -16.59 0.48 -14.63
CA GLU A 417 -16.87 1.91 -14.66
C GLU A 417 -15.62 2.77 -14.65
N LEU A 418 -14.43 2.18 -14.47
CA LEU A 418 -13.20 2.96 -14.55
C LEU A 418 -12.97 3.44 -15.97
N THR A 419 -12.59 4.71 -16.11
CA THR A 419 -12.36 5.29 -17.43
C THR A 419 -11.00 4.87 -17.96
N PRO A 420 -10.79 5.03 -19.28
CA PRO A 420 -9.46 4.69 -19.82
C PRO A 420 -8.33 5.46 -19.16
N GLN A 421 -8.51 6.76 -18.96
CA GLN A 421 -7.48 7.55 -18.29
C GLN A 421 -7.18 7.00 -16.90
N GLN A 422 -8.23 6.63 -16.15
CA GLN A 422 -8.02 6.05 -14.83
C GLN A 422 -7.24 4.75 -14.91
N ARG A 423 -7.56 3.89 -15.89
CA ARG A 423 -6.86 2.62 -16.02
C ARG A 423 -5.38 2.82 -16.34
N ARG A 424 -5.05 3.94 -16.98
CA ARG A 424 -3.65 4.21 -17.34
C ARG A 424 -2.88 4.90 -16.23
N SER A 425 -3.57 5.63 -15.36
CA SER A 425 -2.90 6.49 -14.38
C SER A 425 -2.83 5.87 -12.99
N LEU A 426 -3.81 5.05 -12.61
CA LEU A 426 -3.85 4.54 -11.25
C LEU A 426 -2.57 3.78 -10.91
N PRO A 427 -1.91 4.09 -9.79
CA PRO A 427 -0.70 3.33 -9.43
C PRO A 427 -1.00 1.84 -9.27
N ALA A 428 0.00 1.03 -9.61
CA ALA A 428 -0.17 -0.40 -9.62
C ALA A 428 -0.22 -0.95 -8.20
N ILE A 429 -0.96 -2.04 -8.03
CA ILE A 429 -1.04 -2.76 -6.76
C ILE A 429 -0.86 -4.25 -7.02
N GLY B 14 7.41 -7.55 -1.46
CA GLY B 14 6.18 -7.55 -0.70
C GLY B 14 5.07 -6.76 -1.36
N LYS B 15 4.13 -7.47 -1.96
CA LYS B 15 3.03 -6.87 -2.69
C LYS B 15 1.70 -7.32 -2.12
N CYS B 16 0.68 -6.47 -2.27
CA CYS B 16 -0.67 -6.76 -1.82
C CYS B 16 -1.43 -7.40 -2.97
N LYS B 17 -1.49 -8.73 -3.00
CA LYS B 17 -2.21 -9.43 -4.05
C LYS B 17 -3.65 -9.75 -3.62
N ASP B 18 -3.81 -10.50 -2.54
CA ASP B 18 -5.12 -10.87 -2.02
C ASP B 18 -5.53 -10.08 -0.80
N GLY B 19 -4.57 -9.54 -0.04
CA GLY B 19 -4.88 -8.87 1.21
C GLY B 19 -4.22 -7.51 1.35
N LEU B 20 -4.18 -7.00 2.59
CA LEU B 20 -3.62 -5.70 2.90
C LEU B 20 -2.52 -5.83 3.96
N GLY B 21 -1.65 -6.83 3.79
CA GLY B 21 -0.67 -7.12 4.82
C GLY B 21 0.47 -6.12 4.89
N GLU B 22 0.79 -5.48 3.77
CA GLU B 22 1.92 -4.56 3.74
C GLU B 22 1.51 -3.19 4.25
N TYR B 23 2.48 -2.46 4.82
CA TYR B 23 2.19 -1.14 5.34
C TYR B 23 1.70 -0.21 4.25
N THR B 24 2.28 -0.30 3.06
CA THR B 24 1.80 0.43 1.89
C THR B 24 1.78 -0.54 0.71
N CYS B 25 0.67 -0.52 -0.04
CA CYS B 25 0.52 -1.41 -1.18
C CYS B 25 0.94 -0.76 -2.49
N THR B 26 1.03 0.56 -2.55
CA THR B 26 1.47 1.26 -3.73
C THR B 26 2.91 1.71 -3.56
N SER B 27 3.61 1.82 -4.69
CA SER B 27 5.00 2.28 -4.72
C SER B 27 5.06 3.49 -5.67
N LEU B 28 4.55 4.61 -5.19
CA LEU B 28 4.41 5.80 -6.02
C LEU B 28 5.73 6.57 -6.09
N GLU B 29 5.93 7.25 -7.20
CA GLU B 29 7.15 8.03 -7.43
C GLU B 29 6.80 9.25 -8.26
N GLY B 30 6.85 10.43 -7.64
CA GLY B 30 6.67 11.67 -8.37
C GLY B 30 5.30 12.27 -8.18
N PHE B 31 5.03 13.27 -9.01
CA PHE B 31 3.74 13.95 -9.04
C PHE B 31 2.72 13.15 -9.85
#